data_5Y53
#
_entry.id   5Y53
#
_cell.length_a   43.650
_cell.length_b   49.232
_cell.length_c   71.265
_cell.angle_alpha   75.64
_cell.angle_beta   82.97
_cell.angle_gamma   67.38
#
_symmetry.space_group_name_H-M   'P 1'
#
loop_
_entity.id
_entity.type
_entity.pdbx_description
1 polymer 'PHD finger protein ALFIN-LIKE 2'
2 polymer 'AtBMI1b binding site'
3 water water
#
loop_
_entity_poly.entity_id
_entity_poly.type
_entity_poly.pdbx_seq_one_letter_code
_entity_poly.pdbx_strand_id
1 'polypeptide(L)'
;GSPRTVEEIFKDYSARRAALLRALTKDVDDFYSQCDPEKENLCLYGHPNESWEVNLPAEEVPPELPEPALGINFARDGMQ
RKDWLSLVAVHSDCWLLSVSFYFGARLNRNERKRLFSLINDLPTLFDVVTGRKAM
;
A,B,C,E
2 'polypeptide(L)' ETVTPKRMRTTQRKRSAT D,F
#
# COMPACT_ATOMS: atom_id res chain seq x y z
N SER A 2 7.63 25.28 -25.25
CA SER A 2 8.08 24.63 -24.02
C SER A 2 9.59 24.34 -24.04
N PRO A 3 10.22 24.27 -22.87
CA PRO A 3 11.65 23.91 -22.83
C PRO A 3 11.87 22.52 -23.44
N ARG A 4 12.95 22.42 -24.25
CA ARG A 4 13.23 21.13 -24.89
C ARG A 4 14.68 20.67 -24.68
N THR A 5 15.66 21.58 -24.81
CA THR A 5 17.05 21.17 -24.64
C THR A 5 17.37 21.05 -23.15
N VAL A 6 18.48 20.36 -22.87
CA VAL A 6 18.94 20.25 -21.48
C VAL A 6 19.08 21.63 -20.87
N GLU A 7 19.66 22.57 -21.62
CA GLU A 7 19.87 23.90 -21.09
C GLU A 7 18.54 24.59 -20.80
N GLU A 8 17.60 24.53 -21.76
CA GLU A 8 16.30 25.18 -21.57
C GLU A 8 15.57 24.59 -20.39
N ILE A 9 15.63 23.25 -20.25
CA ILE A 9 14.88 22.63 -19.16
C ILE A 9 15.51 22.98 -17.82
N PHE A 10 16.86 22.98 -17.76
CA PHE A 10 17.50 23.29 -16.50
C PHE A 10 17.32 24.76 -16.11
N LYS A 11 17.28 25.67 -17.10
CA LYS A 11 16.95 27.06 -16.79
C LYS A 11 15.55 27.16 -16.18
N ASP A 12 14.58 26.44 -16.75
CA ASP A 12 13.21 26.43 -16.24
C ASP A 12 13.17 25.87 -14.83
N TYR A 13 13.87 24.74 -14.62
CA TYR A 13 13.96 24.12 -13.30
C TYR A 13 14.52 25.11 -12.28
N SER A 14 15.64 25.75 -12.65
CA SER A 14 16.32 26.64 -11.71
C SER A 14 15.44 27.83 -11.35
N ALA A 15 14.68 28.35 -12.32
CA ALA A 15 13.81 29.49 -12.05
C ALA A 15 12.65 29.09 -11.14
N ARG A 16 12.00 27.96 -11.42
CA ARG A 16 10.92 27.52 -10.52
C ARG A 16 11.44 27.25 -9.12
N ARG A 17 12.60 26.59 -9.02
CA ARG A 17 13.22 26.29 -7.74
C ARG A 17 13.52 27.58 -6.98
N ALA A 18 14.07 28.58 -7.67
CA ALA A 18 14.37 29.83 -6.99
C ALA A 18 13.12 30.42 -6.36
N ALA A 19 11.99 30.34 -7.08
CA ALA A 19 10.72 30.84 -6.56
C ALA A 19 10.29 30.06 -5.32
N LEU A 20 10.36 28.74 -5.39
CA LEU A 20 9.92 27.92 -4.26
C LEU A 20 10.86 28.10 -3.07
N LEU A 21 12.16 28.23 -3.34
CA LEU A 21 13.10 28.49 -2.24
C LEU A 21 12.76 29.80 -1.55
N ARG A 22 12.47 30.85 -2.32
CA ARG A 22 12.00 32.10 -1.71
C ARG A 22 10.74 31.88 -0.87
N ALA A 23 9.76 31.14 -1.40
CA ALA A 23 8.51 30.90 -0.67
C ALA A 23 8.76 30.24 0.69
N LEU A 24 9.72 29.31 0.74
CA LEU A 24 9.95 28.50 1.92
C LEU A 24 10.99 29.10 2.86
N THR A 25 11.60 30.23 2.49
CA THR A 25 12.61 30.84 3.36
C THR A 25 12.31 32.33 3.52
N LYS A 26 12.75 33.16 2.57
CA LYS A 26 12.57 34.60 2.71
C LYS A 26 11.12 34.99 2.92
N ASP A 27 10.21 34.41 2.14
CA ASP A 27 8.80 34.77 2.21
C ASP A 27 7.97 33.75 2.99
N VAL A 28 8.61 32.97 3.87
CA VAL A 28 7.91 31.86 4.50
C VAL A 28 6.73 32.32 5.34
N ASP A 29 6.79 33.52 5.94
CA ASP A 29 5.64 33.96 6.73
C ASP A 29 4.45 34.29 5.85
N ASP A 30 4.71 34.76 4.62
CA ASP A 30 3.62 35.02 3.69
C ASP A 30 3.04 33.70 3.20
N PHE A 31 3.92 32.80 2.76
CA PHE A 31 3.49 31.49 2.30
C PHE A 31 2.65 30.77 3.37
N TYR A 32 3.14 30.77 4.61
CA TYR A 32 2.44 30.06 5.67
C TYR A 32 1.05 30.66 5.88
N SER A 33 0.98 31.99 5.92
CA SER A 33 -0.30 32.65 6.17
CA SER A 33 -0.30 32.64 6.18
C SER A 33 -1.31 32.36 5.07
N GLN A 34 -0.85 32.19 3.84
CA GLN A 34 -1.76 31.94 2.73
C GLN A 34 -2.32 30.53 2.75
N CYS A 35 -1.71 29.62 3.49
CA CYS A 35 -2.15 28.21 3.49
C CYS A 35 -3.15 27.95 4.61
N ASP A 36 -4.23 28.69 4.63
CA ASP A 36 -5.24 28.60 5.67
C ASP A 36 -5.97 27.27 5.55
N PRO A 37 -5.98 26.44 6.60
CA PRO A 37 -6.66 25.14 6.52
C PRO A 37 -8.13 25.23 6.17
N GLU A 38 -8.81 26.35 6.40
CA GLU A 38 -10.24 26.38 6.10
C GLU A 38 -10.54 26.60 4.63
N LYS A 39 -9.53 26.97 3.81
CA LYS A 39 -9.81 27.21 2.39
C LYS A 39 -9.94 25.87 1.64
N GLU A 40 -10.34 25.96 0.38
CA GLU A 40 -10.35 24.79 -0.50
C GLU A 40 -8.92 24.33 -0.71
N ASN A 41 -8.73 23.19 -1.39
CA ASN A 41 -7.39 22.64 -1.57
C ASN A 41 -6.47 23.62 -2.30
N LEU A 42 -5.32 23.90 -1.70
CA LEU A 42 -4.35 24.82 -2.27
C LEU A 42 -3.04 24.08 -2.57
N CYS A 43 -2.27 24.63 -3.51
CA CYS A 43 -0.99 24.09 -3.94
C CYS A 43 0.02 25.21 -3.99
N LEU A 44 1.28 24.85 -3.83
CA LEU A 44 2.39 25.80 -3.96
C LEU A 44 3.01 25.62 -5.35
N TYR A 45 2.96 26.67 -6.16
CA TYR A 45 3.51 26.64 -7.52
C TYR A 45 4.72 27.54 -7.58
N GLY A 46 5.71 27.13 -8.36
CA GLY A 46 6.81 28.00 -8.74
C GLY A 46 6.84 28.07 -10.25
N HIS A 47 7.11 29.25 -10.79
CA HIS A 47 6.95 29.49 -12.21
C HIS A 47 8.27 29.93 -12.82
N PRO A 48 8.44 29.77 -14.13
CA PRO A 48 9.73 30.12 -14.74
C PRO A 48 10.02 31.61 -14.73
N ASN A 49 9.06 32.47 -14.40
CA ASN A 49 9.38 33.89 -14.20
C ASN A 49 9.85 34.18 -12.77
N GLU A 50 10.15 33.12 -12.00
CA GLU A 50 10.68 33.16 -10.64
C GLU A 50 9.68 33.68 -9.63
N SER A 51 8.40 33.61 -9.95
CA SER A 51 7.33 33.92 -9.01
CA SER A 51 7.33 33.92 -9.01
C SER A 51 6.81 32.63 -8.38
N TRP A 52 6.37 32.74 -7.13
CA TRP A 52 5.68 31.64 -6.45
C TRP A 52 4.27 32.10 -6.13
N GLU A 53 3.37 31.12 -6.02
CA GLU A 53 2.01 31.45 -5.61
C GLU A 53 1.42 30.24 -4.92
N VAL A 54 0.42 30.51 -4.10
CA VAL A 54 -0.44 29.51 -3.48
C VAL A 54 -1.81 29.64 -4.15
N ASN A 55 -2.28 28.56 -4.81
CA ASN A 55 -3.50 28.69 -5.58
C ASN A 55 -4.24 27.36 -5.63
N LEU A 56 -5.50 27.44 -6.06
CA LEU A 56 -6.27 26.25 -6.43
C LEU A 56 -5.55 25.51 -7.56
N PRO A 57 -5.75 24.20 -7.67
CA PRO A 57 -5.21 23.45 -8.81
C PRO A 57 -5.86 23.86 -10.12
N ALA A 58 -5.24 23.39 -11.21
CA ALA A 58 -5.74 23.69 -12.55
C ALA A 58 -7.19 23.23 -12.71
N GLU A 59 -8.01 24.09 -13.33
CA GLU A 59 -9.43 23.78 -13.41
C GLU A 59 -9.72 22.71 -14.46
N GLU A 60 -8.96 22.71 -15.55
CA GLU A 60 -9.15 21.75 -16.63
C GLU A 60 -8.16 20.61 -16.46
N VAL A 61 -8.62 19.38 -16.65
CA VAL A 61 -7.74 18.22 -16.47
C VAL A 61 -7.91 17.32 -17.69
N PRO A 62 -6.86 16.57 -18.10
CA PRO A 62 -5.56 16.56 -17.43
C PRO A 62 -4.78 17.85 -17.69
N PRO A 63 -4.05 18.31 -16.69
CA PRO A 63 -3.32 19.57 -16.83
C PRO A 63 -2.18 19.43 -17.80
N GLU A 64 -1.78 20.57 -18.38
CA GLU A 64 -0.69 20.57 -19.34
C GLU A 64 0.61 20.07 -18.71
N LEU A 65 0.87 20.49 -17.47
CA LEU A 65 2.06 20.09 -16.74
C LEU A 65 1.68 19.22 -15.55
N PRO A 66 2.59 18.36 -15.07
CA PRO A 66 2.42 17.74 -13.75
C PRO A 66 2.05 18.81 -12.73
N GLU A 67 1.21 18.41 -11.77
N GLU A 67 1.17 18.41 -11.77
CA GLU A 67 0.68 19.34 -10.79
CA GLU A 67 0.60 19.28 -10.75
C GLU A 67 1.30 19.10 -9.42
C GLU A 67 1.32 19.09 -9.41
N PRO A 68 1.46 20.17 -8.63
CA PRO A 68 2.03 20.02 -7.28
C PRO A 68 1.06 19.29 -6.36
N ALA A 69 1.57 18.95 -5.16
CA ALA A 69 0.75 18.33 -4.13
C ALA A 69 -0.45 19.20 -3.79
N LEU A 70 -1.61 18.56 -3.67
CA LEU A 70 -2.89 19.22 -3.51
C LEU A 70 -3.30 19.30 -2.04
N GLY A 71 -3.82 20.44 -1.62
CA GLY A 71 -4.35 20.50 -0.26
C GLY A 71 -3.31 20.60 0.83
N ILE A 72 -2.14 21.19 0.54
CA ILE A 72 -1.11 21.28 1.57
C ILE A 72 -1.59 22.13 2.73
N ASN A 73 -2.55 23.03 2.51
CA ASN A 73 -3.08 23.86 3.58
C ASN A 73 -3.84 23.05 4.61
N PHE A 74 -4.41 21.91 4.22
CA PHE A 74 -5.33 21.24 5.14
C PHE A 74 -4.65 20.82 6.43
N ALA A 75 -3.37 20.44 6.37
CA ALA A 75 -2.64 19.92 7.51
C ALA A 75 -1.87 20.97 8.29
N ARG A 76 -1.95 22.24 7.89
CA ARG A 76 -1.06 23.25 8.43
C ARG A 76 -1.15 23.37 9.95
N ASP A 77 -2.36 23.35 10.51
CA ASP A 77 -2.55 23.62 11.94
C ASP A 77 -2.65 22.33 12.75
N GLY A 78 -2.24 21.20 12.18
CA GLY A 78 -2.24 19.94 12.88
C GLY A 78 -0.87 19.34 13.07
N MET A 79 0.19 20.09 12.77
CA MET A 79 1.54 19.58 12.97
C MET A 79 2.43 20.77 13.26
N GLN A 80 3.57 20.47 13.89
CA GLN A 80 4.52 21.54 14.16
C GLN A 80 5.00 22.14 12.85
N ARG A 81 5.25 23.45 12.87
CA ARG A 81 5.58 24.19 11.67
C ARG A 81 6.74 23.56 10.92
N LYS A 82 7.80 23.16 11.63
CA LYS A 82 8.97 22.60 10.95
C LYS A 82 8.61 21.35 10.17
N ASP A 83 7.71 20.53 10.70
CA ASP A 83 7.30 19.29 10.06
C ASP A 83 6.38 19.57 8.86
N TRP A 84 5.56 20.61 8.96
CA TRP A 84 4.72 20.94 7.81
C TRP A 84 5.58 21.50 6.67
N LEU A 85 6.53 22.38 6.99
CA LEU A 85 7.39 22.94 5.96
C LEU A 85 8.22 21.85 5.30
N SER A 86 8.69 20.87 6.09
N SER A 86 8.69 20.87 6.09
CA SER A 86 9.44 19.78 5.48
CA SER A 86 9.44 19.77 5.49
C SER A 86 8.58 18.98 4.51
C SER A 86 8.58 18.98 4.51
N LEU A 87 7.32 18.72 4.88
CA LEU A 87 6.40 18.04 3.98
C LEU A 87 6.20 18.83 2.69
N VAL A 88 5.99 20.15 2.82
CA VAL A 88 5.83 20.97 1.62
C VAL A 88 7.10 20.90 0.77
N ALA A 89 8.25 20.99 1.41
CA ALA A 89 9.54 20.99 0.70
C ALA A 89 9.74 19.70 -0.09
N VAL A 90 9.49 18.55 0.52
CA VAL A 90 9.73 17.30 -0.21
CA VAL A 90 9.68 17.27 -0.18
C VAL A 90 8.77 17.19 -1.39
N HIS A 91 7.49 17.51 -1.20
CA HIS A 91 6.56 17.45 -2.33
C HIS A 91 6.96 18.44 -3.42
N SER A 92 7.53 19.57 -3.01
CA SER A 92 7.97 20.57 -3.98
C SER A 92 9.19 20.08 -4.76
N ASP A 93 10.14 19.42 -4.08
CA ASP A 93 11.28 18.82 -4.78
C ASP A 93 10.81 17.80 -5.82
N CYS A 94 9.83 16.97 -5.42
CA CYS A 94 9.29 15.96 -6.32
C CYS A 94 8.60 16.59 -7.51
N TRP A 95 7.89 17.70 -7.29
CA TRP A 95 7.19 18.37 -8.38
C TRP A 95 8.17 18.98 -9.37
N LEU A 96 9.22 19.66 -8.86
CA LEU A 96 10.21 20.23 -9.74
C LEU A 96 10.82 19.17 -10.64
N LEU A 97 11.15 18.02 -10.07
CA LEU A 97 11.70 16.91 -10.86
CA LEU A 97 11.70 16.91 -10.86
C LEU A 97 10.70 16.45 -11.91
N SER A 98 9.44 16.27 -11.49
CA SER A 98 8.40 15.82 -12.41
CA SER A 98 8.40 15.83 -12.42
C SER A 98 8.25 16.78 -13.58
N VAL A 99 8.25 18.10 -13.30
CA VAL A 99 8.08 19.06 -14.39
C VAL A 99 9.24 18.98 -15.37
N SER A 100 10.47 18.94 -14.85
CA SER A 100 11.62 18.94 -15.75
C SER A 100 11.64 17.70 -16.62
N PHE A 101 11.31 16.55 -16.04
CA PHE A 101 11.38 15.33 -16.84
C PHE A 101 10.13 15.12 -17.69
N TYR A 102 9.09 15.91 -17.44
CA TYR A 102 8.01 16.02 -18.41
C TYR A 102 8.49 16.71 -19.67
N PHE A 103 9.05 17.93 -19.49
CA PHE A 103 9.62 18.65 -20.61
C PHE A 103 10.69 17.81 -21.29
N GLY A 104 11.43 17.02 -20.51
CA GLY A 104 12.54 16.21 -20.98
C GLY A 104 12.16 14.84 -21.53
N ALA A 105 10.88 14.62 -21.82
CA ALA A 105 10.46 13.27 -22.24
C ALA A 105 11.23 12.79 -23.46
N ARG A 106 11.53 13.70 -24.38
CA ARG A 106 12.17 13.35 -25.64
C ARG A 106 13.69 13.36 -25.56
N LEU A 107 14.27 13.72 -24.42
CA LEU A 107 15.71 13.57 -24.25
C LEU A 107 16.09 12.10 -24.21
N ASN A 108 17.28 11.79 -24.72
CA ASN A 108 17.74 10.42 -24.68
C ASN A 108 18.31 10.10 -23.29
N ARG A 109 18.70 8.84 -23.09
CA ARG A 109 19.16 8.36 -21.79
C ARG A 109 20.35 9.18 -21.28
N ASN A 110 21.32 9.48 -22.15
CA ASN A 110 22.48 10.25 -21.73
C ASN A 110 22.10 11.68 -21.34
N GLU A 111 21.21 12.30 -22.12
CA GLU A 111 20.73 13.64 -21.82
C GLU A 111 19.97 13.67 -20.52
N ARG A 112 19.16 12.65 -20.25
CA ARG A 112 18.42 12.65 -19.00
CA ARG A 112 18.42 12.65 -18.99
C ARG A 112 19.36 12.54 -17.81
N LYS A 113 20.41 11.72 -17.91
CA LYS A 113 21.42 11.65 -16.86
C LYS A 113 22.12 12.99 -16.67
N ARG A 114 22.45 13.68 -17.77
CA ARG A 114 23.12 14.96 -17.67
C ARG A 114 22.23 15.97 -17.01
N LEU A 115 20.93 15.94 -17.33
CA LEU A 115 20.01 16.88 -16.70
C LEU A 115 19.86 16.61 -15.21
N PHE A 116 19.75 15.33 -14.82
CA PHE A 116 19.68 15.08 -13.39
C PHE A 116 20.95 15.55 -12.69
N SER A 117 22.11 15.39 -13.35
CA SER A 117 23.36 15.83 -12.73
C SER A 117 23.34 17.32 -12.43
N LEU A 118 22.84 18.13 -13.36
CA LEU A 118 22.70 19.56 -13.13
C LEU A 118 21.78 19.82 -11.93
N ILE A 119 20.64 19.13 -11.90
CA ILE A 119 19.68 19.32 -10.82
C ILE A 119 20.29 18.93 -9.49
N ASN A 120 21.08 17.85 -9.49
CA ASN A 120 21.64 17.31 -8.27
C ASN A 120 22.78 18.14 -7.72
N ASP A 121 23.24 19.16 -8.44
CA ASP A 121 24.24 20.06 -7.90
C ASP A 121 23.60 21.22 -7.14
N LEU A 122 22.26 21.25 -7.03
CA LEU A 122 21.55 22.22 -6.20
C LEU A 122 20.98 21.51 -4.99
N PRO A 123 21.15 22.05 -3.79
CA PRO A 123 20.53 21.42 -2.62
C PRO A 123 19.03 21.34 -2.81
N THR A 124 18.45 20.26 -2.28
CA THR A 124 17.01 20.11 -2.35
C THR A 124 16.31 21.07 -1.38
N LEU A 125 15.07 21.40 -1.70
CA LEU A 125 14.31 22.26 -0.79
C LEU A 125 14.16 21.59 0.58
N PHE A 126 13.99 20.27 0.59
CA PHE A 126 13.97 19.52 1.85
C PHE A 126 15.26 19.75 2.64
N ASP A 127 16.43 19.64 1.97
CA ASP A 127 17.71 19.97 2.62
C ASP A 127 17.70 21.38 3.19
N VAL A 128 17.25 22.36 2.40
CA VAL A 128 17.31 23.76 2.84
C VAL A 128 16.42 23.97 4.05
N VAL A 129 15.17 23.51 3.99
CA VAL A 129 14.20 23.81 5.04
C VAL A 129 14.56 23.10 6.34
N THR A 130 15.03 21.86 6.25
CA THR A 130 15.43 21.13 7.44
C THR A 130 16.82 21.50 7.95
N GLY A 131 17.60 22.27 7.19
CA GLY A 131 18.96 22.58 7.60
C GLY A 131 19.85 21.36 7.67
N ARG A 132 19.70 20.45 6.71
CA ARG A 132 20.50 19.23 6.63
C ARG A 132 21.98 19.49 6.46
N LYS A 133 22.77 18.75 7.22
CA LYS A 133 24.23 18.84 7.23
C LYS A 133 24.89 18.49 5.90
N SER B 2 8.32 1.62 4.20
CA SER B 2 8.51 2.26 2.90
CA SER B 2 8.49 2.26 2.90
C SER B 2 9.93 2.03 2.43
N PRO B 3 10.15 2.06 1.11
CA PRO B 3 11.53 1.91 0.63
C PRO B 3 12.40 3.04 1.12
N ARG B 4 13.62 2.70 1.53
CA ARG B 4 14.53 3.72 2.05
C ARG B 4 15.89 3.67 1.40
N THR B 5 16.47 2.50 1.20
CA THR B 5 17.80 2.48 0.58
C THR B 5 17.68 2.65 -0.92
N VAL B 6 18.81 2.98 -1.56
CA VAL B 6 18.84 3.05 -3.01
C VAL B 6 18.26 1.77 -3.62
N GLU B 7 18.73 0.61 -3.14
CA GLU B 7 18.25 -0.65 -3.70
C GLU B 7 16.76 -0.87 -3.46
N GLU B 8 16.27 -0.53 -2.27
CA GLU B 8 14.84 -0.73 -1.99
C GLU B 8 14.01 0.16 -2.91
N ILE B 9 14.47 1.39 -3.11
CA ILE B 9 13.71 2.32 -3.93
C ILE B 9 13.72 1.89 -5.39
N PHE B 10 14.84 1.35 -5.87
CA PHE B 10 14.86 0.87 -7.26
C PHE B 10 13.99 -0.36 -7.43
N LYS B 11 13.96 -1.26 -6.43
CA LYS B 11 13.05 -2.40 -6.54
C LYS B 11 11.60 -1.94 -6.68
N ASP B 12 11.19 -0.99 -5.84
CA ASP B 12 9.84 -0.44 -5.91
C ASP B 12 9.60 0.23 -7.27
N TYR B 13 10.57 1.04 -7.74
CA TYR B 13 10.43 1.69 -9.04
C TYR B 13 10.25 0.67 -10.15
N SER B 14 11.08 -0.38 -10.17
N SER B 14 11.08 -0.39 -10.17
CA SER B 14 11.03 -1.32 -11.29
CA SER B 14 11.04 -1.34 -11.27
C SER B 14 9.72 -2.10 -11.30
C SER B 14 9.70 -2.08 -11.29
N ALA B 15 9.15 -2.37 -10.12
CA ALA B 15 7.89 -3.11 -10.07
C ALA B 15 6.74 -2.24 -10.54
N ARG B 16 6.69 -0.98 -10.09
CA ARG B 16 5.63 -0.09 -10.58
C ARG B 16 5.76 0.13 -12.08
N ARG B 17 7.01 0.32 -12.56
CA ARG B 17 7.23 0.53 -13.98
C ARG B 17 6.78 -0.68 -14.79
N ALA B 18 7.10 -1.89 -14.32
CA ALA B 18 6.66 -3.07 -15.04
C ALA B 18 5.14 -3.11 -15.18
N ALA B 19 4.44 -2.75 -14.11
CA ALA B 19 2.97 -2.67 -14.14
C ALA B 19 2.49 -1.68 -15.19
N LEU B 20 3.02 -0.46 -15.16
CA LEU B 20 2.57 0.56 -16.10
C LEU B 20 2.92 0.20 -17.53
N LEU B 21 4.11 -0.39 -17.75
CA LEU B 21 4.48 -0.78 -19.11
C LEU B 21 3.48 -1.77 -19.66
N ARG B 22 3.03 -2.70 -18.81
CA ARG B 22 2.07 -3.71 -19.26
C ARG B 22 0.74 -3.06 -19.64
N ALA B 23 0.26 -2.12 -18.82
CA ALA B 23 -0.96 -1.39 -19.13
C ALA B 23 -0.90 -0.73 -20.49
N LEU B 24 0.26 -0.18 -20.85
CA LEU B 24 0.41 0.59 -22.08
C LEU B 24 0.71 -0.25 -23.30
N THR B 25 1.01 -1.53 -23.14
CA THR B 25 1.39 -2.36 -24.28
C THR B 25 0.54 -3.63 -24.30
N LYS B 26 1.00 -4.70 -23.63
CA LYS B 26 0.32 -5.99 -23.68
C LYS B 26 -1.14 -5.87 -23.29
N ASP B 27 -1.44 -5.07 -22.27
CA ASP B 27 -2.79 -4.96 -21.75
C ASP B 27 -3.52 -3.74 -22.29
N VAL B 28 -3.06 -3.15 -23.41
CA VAL B 28 -3.57 -1.83 -23.82
C VAL B 28 -5.06 -1.87 -24.17
N ASP B 29 -5.55 -2.98 -24.73
CA ASP B 29 -6.98 -3.02 -25.04
C ASP B 29 -7.82 -2.84 -23.79
N ASP B 30 -7.45 -3.52 -22.71
CA ASP B 30 -8.19 -3.41 -21.47
C ASP B 30 -7.95 -2.05 -20.81
N PHE B 31 -6.70 -1.59 -20.78
CA PHE B 31 -6.41 -0.29 -20.20
C PHE B 31 -7.17 0.82 -20.92
N TYR B 32 -7.11 0.83 -22.25
CA TYR B 32 -7.81 1.87 -23.01
C TYR B 32 -9.29 1.87 -22.68
N SER B 33 -9.87 0.67 -22.59
CA SER B 33 -11.31 0.55 -22.29
CA SER B 33 -11.30 0.56 -22.30
C SER B 33 -11.64 1.08 -20.91
N GLN B 34 -10.76 0.84 -19.94
CA GLN B 34 -11.06 1.27 -18.58
C GLN B 34 -11.00 2.79 -18.42
N CYS B 35 -10.36 3.50 -19.35
CA CYS B 35 -10.24 4.95 -19.23
C CYS B 35 -11.44 5.62 -19.89
N ASP B 36 -12.58 5.36 -19.28
CA ASP B 36 -13.89 5.73 -19.76
C ASP B 36 -14.14 7.24 -19.64
N PRO B 37 -14.23 7.99 -20.75
CA PRO B 37 -14.49 9.43 -20.66
C PRO B 37 -15.79 9.76 -19.96
N GLU B 38 -16.71 8.80 -19.83
CA GLU B 38 -17.99 9.06 -19.17
C GLU B 38 -17.87 9.10 -17.66
N LYS B 39 -16.78 8.56 -17.10
CA LYS B 39 -16.56 8.52 -15.66
C LYS B 39 -15.99 9.85 -15.17
N GLU B 40 -15.91 9.97 -13.86
CA GLU B 40 -15.21 11.07 -13.23
C GLU B 40 -13.70 10.98 -13.56
N ASN B 41 -12.95 11.97 -13.12
CA ASN B 41 -11.52 11.95 -13.43
C ASN B 41 -10.79 10.70 -12.97
N LEU B 42 -10.08 10.04 -13.88
CA LEU B 42 -9.37 8.84 -13.58
C LEU B 42 -7.85 8.96 -13.70
N CYS B 43 -7.16 8.04 -12.99
CA CYS B 43 -5.70 7.99 -12.98
C CYS B 43 -5.23 6.57 -13.24
N LEU B 44 -4.01 6.46 -13.74
CA LEU B 44 -3.33 5.17 -13.89
C LEU B 44 -2.27 5.02 -12.81
N TYR B 45 -2.42 4.00 -11.97
CA TYR B 45 -1.48 3.69 -10.89
C TYR B 45 -0.70 2.43 -11.23
N GLY B 46 0.57 2.42 -10.85
CA GLY B 46 1.33 1.18 -10.85
C GLY B 46 1.77 0.85 -9.45
N HIS B 47 1.59 -0.39 -9.03
CA HIS B 47 1.82 -0.79 -7.64
C HIS B 47 3.05 -1.68 -7.51
N PRO B 48 3.65 -1.74 -6.30
CA PRO B 48 4.89 -2.50 -6.12
C PRO B 48 4.72 -4.02 -6.22
N ASN B 49 3.49 -4.53 -6.29
CA ASN B 49 3.28 -5.93 -6.63
C ASN B 49 3.12 -6.15 -8.13
N GLU B 50 3.43 -5.12 -8.94
CA GLU B 50 3.41 -5.17 -10.39
C GLU B 50 2.00 -5.22 -10.97
N SER B 51 0.99 -4.83 -10.18
CA SER B 51 -0.35 -4.65 -10.71
C SER B 51 -0.52 -3.21 -11.16
N TRP B 52 -1.30 -3.02 -12.23
CA TRP B 52 -1.73 -1.69 -12.63
C TRP B 52 -3.22 -1.53 -12.36
N GLU B 53 -3.63 -0.28 -12.16
CA GLU B 53 -4.99 0.00 -11.70
C GLU B 53 -5.41 1.35 -12.25
N VAL B 54 -6.61 1.44 -12.81
CA VAL B 54 -7.22 2.72 -13.18
C VAL B 54 -8.27 3.03 -12.12
N ASN B 55 -8.19 4.20 -11.49
CA ASN B 55 -9.13 4.51 -10.42
C ASN B 55 -9.20 6.03 -10.22
N LEU B 56 -10.16 6.44 -9.39
CA LEU B 56 -10.26 7.83 -9.00
C LEU B 56 -9.02 8.24 -8.21
N PRO B 57 -8.74 9.54 -8.11
CA PRO B 57 -7.62 9.98 -7.28
C PRO B 57 -7.88 9.69 -5.80
N ALA B 58 -6.78 9.74 -5.05
CA ALA B 58 -6.82 9.49 -3.61
C ALA B 58 -7.73 10.48 -2.89
N GLU B 59 -8.48 9.96 -1.92
CA GLU B 59 -9.37 10.79 -1.10
C GLU B 59 -8.63 11.45 0.04
N GLU B 60 -7.56 10.82 0.53
CA GLU B 60 -6.75 11.40 1.60
C GLU B 60 -5.95 12.55 1.00
N VAL B 61 -6.28 13.78 1.42
CA VAL B 61 -5.64 14.98 0.88
C VAL B 61 -5.09 15.80 2.05
N PRO B 62 -3.81 16.21 2.02
CA PRO B 62 -2.83 15.85 0.99
C PRO B 62 -2.40 14.39 1.12
N PRO B 63 -2.23 13.70 0.00
CA PRO B 63 -1.87 12.27 0.06
C PRO B 63 -0.43 12.09 0.52
N GLU B 64 -0.15 10.87 1.00
CA GLU B 64 1.22 10.50 1.37
C GLU B 64 2.14 10.51 0.16
N LEU B 65 1.90 9.64 -0.78
CA LEU B 65 2.72 9.58 -1.98
C LEU B 65 2.28 10.62 -3.00
N PRO B 66 3.20 11.11 -3.82
CA PRO B 66 2.80 11.87 -5.02
C PRO B 66 1.75 11.10 -5.79
N GLU B 67 0.83 11.86 -6.41
CA GLU B 67 -0.31 11.36 -7.13
C GLU B 67 -0.09 11.39 -8.63
N PRO B 68 -0.62 10.42 -9.38
CA PRO B 68 -0.49 10.44 -10.84
C PRO B 68 -1.36 11.53 -11.44
N ALA B 69 -1.12 11.75 -12.74
CA ALA B 69 -1.94 12.67 -13.51
C ALA B 69 -3.41 12.31 -13.42
N LEU B 70 -4.23 13.34 -13.24
CA LEU B 70 -5.66 13.25 -13.01
C LEU B 70 -6.43 13.44 -14.32
N GLY B 71 -7.46 12.61 -14.55
CA GLY B 71 -8.34 12.87 -15.69
C GLY B 71 -7.82 12.43 -17.05
N ILE B 72 -6.95 11.41 -17.10
CA ILE B 72 -6.47 10.95 -18.40
C ILE B 72 -7.62 10.46 -19.30
N ASN B 73 -8.72 10.00 -18.71
CA ASN B 73 -9.87 9.59 -19.51
C ASN B 73 -10.52 10.76 -20.24
N PHE B 74 -10.34 11.99 -19.76
CA PHE B 74 -10.92 13.13 -20.42
C PHE B 74 -10.19 13.49 -21.70
N ALA B 75 -8.99 12.94 -21.93
CA ALA B 75 -8.19 13.23 -23.10
C ALA B 75 -8.24 12.13 -24.12
N ARG B 76 -8.88 11.00 -23.80
CA ARG B 76 -8.74 9.79 -24.60
C ARG B 76 -9.40 9.94 -25.97
N ASP B 77 -10.64 10.46 -26.00
CA ASP B 77 -11.36 10.42 -27.27
C ASP B 77 -10.94 11.51 -28.25
N GLY B 78 -10.35 12.61 -27.79
CA GLY B 78 -9.94 13.68 -28.69
C GLY B 78 -8.54 13.58 -29.26
N MET B 79 -7.87 12.44 -29.07
CA MET B 79 -6.51 12.22 -29.53
C MET B 79 -6.42 10.90 -30.28
N GLN B 80 -5.47 10.81 -31.20
CA GLN B 80 -5.12 9.50 -31.75
C GLN B 80 -4.60 8.62 -30.63
N ARG B 81 -4.89 7.31 -30.71
CA ARG B 81 -4.51 6.40 -29.62
C ARG B 81 -3.03 6.51 -29.26
N LYS B 82 -2.14 6.51 -30.27
CA LYS B 82 -0.71 6.53 -29.91
C LYS B 82 -0.35 7.82 -29.18
N ASP B 83 -0.95 8.95 -29.59
CA ASP B 83 -0.65 10.21 -28.93
C ASP B 83 -1.17 10.21 -27.49
N TRP B 84 -2.35 9.63 -27.28
CA TRP B 84 -2.88 9.53 -25.92
C TRP B 84 -1.99 8.62 -25.06
N LEU B 85 -1.62 7.45 -25.60
CA LEU B 85 -0.74 6.57 -24.83
C LEU B 85 0.57 7.27 -24.51
N SER B 86 1.08 8.09 -25.44
N SER B 86 1.09 8.09 -25.43
CA SER B 86 2.33 8.81 -25.19
CA SER B 86 2.34 8.79 -25.15
C SER B 86 2.16 9.82 -24.06
C SER B 86 2.15 9.82 -24.04
N LEU B 87 1.00 10.49 -24.04
CA LEU B 87 0.69 11.42 -22.95
C LEU B 87 0.64 10.69 -21.61
N VAL B 88 -0.10 9.58 -21.56
CA VAL B 88 -0.13 8.78 -20.34
C VAL B 88 1.27 8.31 -19.97
N ALA B 89 2.06 7.90 -20.97
CA ALA B 89 3.40 7.40 -20.70
C ALA B 89 4.29 8.45 -20.04
N VAL B 90 4.33 9.68 -20.59
CA VAL B 90 5.20 10.67 -19.98
CA VAL B 90 5.16 10.73 -19.99
C VAL B 90 4.73 11.01 -18.57
N HIS B 91 3.42 11.23 -18.36
CA HIS B 91 2.97 11.52 -17.00
C HIS B 91 3.27 10.36 -16.06
N SER B 92 3.24 9.13 -16.58
CA SER B 92 3.53 7.98 -15.73
C SER B 92 5.02 7.90 -15.40
N ASP B 93 5.89 8.16 -16.38
CA ASP B 93 7.31 8.24 -16.11
C ASP B 93 7.60 9.30 -15.04
N CYS B 94 6.93 10.45 -15.16
CA CYS B 94 7.14 11.53 -14.19
C CYS B 94 6.67 11.10 -12.82
N TRP B 95 5.55 10.35 -12.77
CA TRP B 95 5.04 9.89 -11.47
C TRP B 95 6.01 8.91 -10.84
N LEU B 96 6.56 8.00 -11.64
CA LEU B 96 7.51 7.03 -11.10
C LEU B 96 8.72 7.74 -10.50
N LEU B 97 9.24 8.75 -11.22
CA LEU B 97 10.35 9.52 -10.68
CA LEU B 97 10.35 9.52 -10.68
C LEU B 97 9.96 10.23 -9.39
N SER B 98 8.76 10.85 -9.39
CA SER B 98 8.31 11.55 -8.21
CA SER B 98 8.29 11.55 -8.21
C SER B 98 8.20 10.61 -7.01
N VAL B 99 7.64 9.44 -7.21
CA VAL B 99 7.49 8.48 -6.11
C VAL B 99 8.86 8.06 -5.58
N SER B 100 9.79 7.75 -6.49
CA SER B 100 11.10 7.27 -6.04
C SER B 100 11.85 8.33 -5.26
N PHE B 101 11.79 9.60 -5.71
CA PHE B 101 12.53 10.63 -4.99
C PHE B 101 11.75 11.18 -3.82
N TYR B 102 10.47 10.84 -3.70
CA TYR B 102 9.77 11.03 -2.43
C TYR B 102 10.33 10.06 -1.40
N PHE B 103 10.35 8.77 -1.73
CA PHE B 103 10.97 7.80 -0.83
C PHE B 103 12.44 8.14 -0.60
N GLY B 104 13.09 8.72 -1.62
CA GLY B 104 14.49 9.08 -1.53
C GLY B 104 14.78 10.46 -0.96
N ALA B 105 13.81 11.10 -0.30
CA ALA B 105 14.05 12.47 0.15
C ALA B 105 15.22 12.55 1.13
N ARG B 106 15.45 11.48 1.90
CA ARG B 106 16.48 11.48 2.93
C ARG B 106 17.82 10.96 2.41
N LEU B 107 17.90 10.59 1.14
CA LEU B 107 19.19 10.28 0.53
C LEU B 107 20.00 11.55 0.31
N ASN B 108 21.34 11.42 0.37
CA ASN B 108 22.20 12.57 0.13
C ASN B 108 22.49 12.70 -1.36
N ARG B 109 23.32 13.69 -1.70
CA ARG B 109 23.56 14.02 -3.10
C ARG B 109 24.12 12.83 -3.86
N ASN B 110 25.12 12.15 -3.28
N ASN B 110 25.13 12.17 -3.28
CA ASN B 110 25.73 11.05 -4.01
CA ASN B 110 25.74 11.02 -3.96
C ASN B 110 24.80 9.84 -4.08
C ASN B 110 24.74 9.88 -4.09
N GLU B 111 23.98 9.62 -3.03
CA GLU B 111 22.99 8.54 -3.08
C GLU B 111 21.92 8.81 -4.12
N ARG B 112 21.43 10.05 -4.21
CA ARG B 112 20.41 10.36 -5.21
CA ARG B 112 20.41 10.35 -5.21
C ARG B 112 20.96 10.17 -6.62
N LYS B 113 22.23 10.52 -6.84
CA LYS B 113 22.88 10.29 -8.13
C LYS B 113 22.92 8.79 -8.46
N ARG B 114 23.28 7.96 -7.48
CA ARG B 114 23.29 6.52 -7.71
C ARG B 114 21.91 6.01 -8.05
N LEU B 115 20.90 6.47 -7.28
CA LEU B 115 19.53 6.04 -7.54
C LEU B 115 19.09 6.40 -8.96
N PHE B 116 19.36 7.64 -9.38
CA PHE B 116 18.96 8.01 -10.72
C PHE B 116 19.70 7.16 -11.76
N SER B 117 20.99 6.85 -11.51
N SER B 117 20.99 6.87 -11.51
CA SER B 117 21.73 6.06 -12.49
CA SER B 117 21.75 6.04 -12.44
C SER B 117 21.04 4.71 -12.72
C SER B 117 21.05 4.72 -12.71
N LEU B 118 20.52 4.10 -11.64
CA LEU B 118 19.82 2.82 -11.79
C LEU B 118 18.51 3.00 -12.54
N ILE B 119 17.73 4.01 -12.15
CA ILE B 119 16.47 4.30 -12.85
C ILE B 119 16.73 4.53 -14.32
N ASN B 120 17.80 5.27 -14.63
CA ASN B 120 18.18 5.64 -15.98
C ASN B 120 18.69 4.45 -16.80
N ASP B 121 18.93 3.31 -16.16
CA ASP B 121 19.32 2.10 -16.89
C ASP B 121 18.13 1.42 -17.55
N LEU B 122 16.90 1.78 -17.22
CA LEU B 122 15.74 1.18 -17.86
C LEU B 122 15.11 2.16 -18.83
N PRO B 123 14.71 1.71 -20.03
CA PRO B 123 14.02 2.62 -20.96
C PRO B 123 12.80 3.23 -20.29
N THR B 124 12.50 4.48 -20.62
CA THR B 124 11.28 5.05 -20.05
C THR B 124 10.06 4.49 -20.74
N LEU B 125 8.90 4.65 -20.08
CA LEU B 125 7.65 4.23 -20.71
C LEU B 125 7.41 4.99 -22.00
N PHE B 126 7.75 6.29 -22.00
CA PHE B 126 7.62 7.08 -23.22
C PHE B 126 8.53 6.56 -24.32
N ASP B 127 9.77 6.16 -23.96
CA ASP B 127 10.71 5.54 -24.90
C ASP B 127 10.02 4.38 -25.61
N VAL B 128 9.40 3.49 -24.84
CA VAL B 128 8.81 2.28 -25.40
C VAL B 128 7.56 2.60 -26.22
N VAL B 129 6.67 3.47 -25.71
CA VAL B 129 5.41 3.73 -26.39
C VAL B 129 5.65 4.44 -27.71
N THR B 130 6.65 5.31 -27.77
CA THR B 130 6.90 6.07 -29.00
C THR B 130 7.82 5.36 -29.96
N GLY B 131 8.32 4.18 -29.62
CA GLY B 131 9.19 3.43 -30.50
C GLY B 131 10.63 3.88 -30.51
N ARG B 132 11.07 4.64 -29.51
CA ARG B 132 12.46 5.07 -29.42
C ARG B 132 13.36 3.94 -28.88
N THR C 10 -12.92 17.85 -27.46
CA THR C 10 -12.17 18.34 -26.31
C THR C 10 -11.22 17.27 -25.78
N THR C 11 -10.08 17.71 -25.26
CA THR C 11 -9.10 16.83 -24.62
C THR C 11 -8.87 17.21 -23.17
N GLN C 12 -9.69 18.10 -22.63
CA GLN C 12 -9.68 18.44 -21.21
C GLN C 12 -11.12 18.70 -20.79
N ARG C 13 -11.41 18.48 -19.52
CA ARG C 13 -12.67 18.90 -18.90
C ARG C 13 -12.40 19.45 -17.52
N LYS C 14 -13.42 20.11 -16.95
CA LYS C 14 -13.30 20.60 -15.58
C LYS C 14 -13.08 19.43 -14.62
N ARG C 15 -12.21 19.64 -13.64
CA ARG C 15 -11.92 18.57 -12.70
C ARG C 15 -13.18 18.19 -11.93
N SER C 16 -13.31 16.89 -11.63
CA SER C 16 -14.50 16.40 -10.97
C SER C 16 -14.61 16.98 -9.57
N ALA C 17 -15.85 17.26 -9.15
CA ALA C 17 -16.12 17.84 -7.83
C ALA C 17 -15.75 16.88 -6.70
N SER D 2 -15.85 -29.54 15.00
CA SER D 2 -15.25 -28.23 15.18
C SER D 2 -15.83 -27.51 16.39
N PRO D 3 -15.02 -26.69 17.04
CA PRO D 3 -15.54 -25.87 18.15
C PRO D 3 -16.62 -24.92 17.65
N ARG D 4 -17.73 -24.84 18.41
CA ARG D 4 -18.85 -23.96 18.08
C ARG D 4 -19.22 -23.00 19.20
N THR D 5 -19.25 -23.45 20.44
CA THR D 5 -19.64 -22.55 21.52
C THR D 5 -18.47 -21.69 21.95
N VAL D 6 -18.77 -20.61 22.66
CA VAL D 6 -17.70 -19.79 23.21
C VAL D 6 -16.74 -20.65 24.02
N GLU D 7 -17.26 -21.56 24.86
CA GLU D 7 -16.36 -22.36 25.70
C GLU D 7 -15.48 -23.29 24.84
N GLU D 8 -16.09 -23.96 23.85
CA GLU D 8 -15.34 -24.85 22.98
C GLU D 8 -14.26 -24.09 22.23
N ILE D 9 -14.63 -22.92 21.69
CA ILE D 9 -13.66 -22.14 20.93
C ILE D 9 -12.54 -21.64 21.83
N PHE D 10 -12.87 -21.20 23.05
CA PHE D 10 -11.81 -20.69 23.92
C PHE D 10 -10.90 -21.82 24.41
N LYS D 11 -11.44 -23.03 24.60
CA LYS D 11 -10.59 -24.14 24.99
C LYS D 11 -9.61 -24.50 23.87
N ASP D 12 -10.10 -24.48 22.63
CA ASP D 12 -9.24 -24.69 21.46
C ASP D 12 -8.16 -23.62 21.38
N TYR D 13 -8.57 -22.34 21.49
CA TYR D 13 -7.61 -21.24 21.53
C TYR D 13 -6.54 -21.45 22.61
N SER D 14 -6.99 -21.79 23.82
CA SER D 14 -6.04 -21.87 24.93
C SER D 14 -5.06 -23.00 24.73
N ALA D 15 -5.52 -24.09 24.10
CA ALA D 15 -4.64 -25.25 23.86
C ALA D 15 -3.61 -24.92 22.78
N ARG D 16 -4.04 -24.32 21.67
CA ARG D 16 -3.07 -23.93 20.64
C ARG D 16 -2.10 -22.90 21.18
N ARG D 17 -2.61 -21.93 21.94
CA ARG D 17 -1.75 -20.91 22.55
C ARG D 17 -0.72 -21.54 23.49
N ALA D 18 -1.16 -22.51 24.30
CA ALA D 18 -0.22 -23.15 25.22
C ALA D 18 0.92 -23.81 24.46
N ALA D 19 0.61 -24.43 23.30
CA ALA D 19 1.64 -25.05 22.47
C ALA D 19 2.61 -24.01 21.93
N LEU D 20 2.07 -22.89 21.41
CA LEU D 20 2.93 -21.87 20.80
C LEU D 20 3.77 -21.18 21.85
N LEU D 21 3.21 -20.99 23.05
CA LEU D 21 3.98 -20.39 24.13
C LEU D 21 5.16 -21.29 24.48
N ARG D 22 4.92 -22.60 24.48
CA ARG D 22 5.97 -23.57 24.77
C ARG D 22 7.06 -23.48 23.69
N ALA D 23 6.65 -23.41 22.43
CA ALA D 23 7.60 -23.32 21.32
C ALA D 23 8.50 -22.09 21.44
N LEU D 24 7.94 -20.98 21.90
CA LEU D 24 8.68 -19.72 21.88
C LEU D 24 9.45 -19.46 23.17
N THR D 25 9.32 -20.34 24.16
CA THR D 25 9.98 -20.12 25.45
C THR D 25 10.71 -21.39 25.87
N LYS D 26 9.99 -22.33 26.49
CA LYS D 26 10.62 -23.54 26.99
C LYS D 26 11.41 -24.28 25.90
N ASP D 27 10.80 -24.44 24.72
CA ASP D 27 11.41 -25.18 23.61
C ASP D 27 12.01 -24.27 22.57
N VAL D 28 12.33 -23.02 22.94
CA VAL D 28 12.72 -22.04 21.92
C VAL D 28 13.98 -22.48 21.17
N ASP D 29 14.90 -23.18 21.84
CA ASP D 29 16.09 -23.62 21.12
C ASP D 29 15.74 -24.64 20.05
N ASP D 30 14.78 -25.53 20.33
CA ASP D 30 14.39 -26.51 19.32
C ASP D 30 13.66 -25.83 18.17
N PHE D 31 12.72 -24.95 18.52
CA PHE D 31 12.00 -24.18 17.52
C PHE D 31 12.96 -23.41 16.62
N TYR D 32 13.91 -22.69 17.22
CA TYR D 32 14.85 -21.89 16.42
C TYR D 32 15.65 -22.77 15.47
N SER D 33 16.13 -23.92 15.96
CA SER D 33 16.95 -24.80 15.14
CA SER D 33 16.94 -24.82 15.14
C SER D 33 16.16 -25.41 13.98
N GLN D 34 14.87 -25.66 14.16
CA GLN D 34 14.07 -26.23 13.09
C GLN D 34 13.78 -25.25 11.96
N CYS D 35 13.94 -23.95 12.19
CA CYS D 35 13.60 -22.97 11.15
C CYS D 35 14.80 -22.59 10.27
N ASP D 36 15.41 -23.60 9.65
CA ASP D 36 16.56 -23.36 8.79
C ASP D 36 16.18 -22.58 7.54
N PRO D 37 16.82 -21.45 7.26
CA PRO D 37 16.46 -20.67 6.06
C PRO D 37 16.62 -21.42 4.74
N GLU D 38 17.41 -22.50 4.68
CA GLU D 38 17.58 -23.15 3.39
C GLU D 38 16.42 -24.09 3.05
N LYS D 39 15.58 -24.43 4.02
CA LYS D 39 14.45 -25.32 3.77
C LYS D 39 13.36 -24.62 2.97
N GLU D 40 12.38 -25.40 2.53
CA GLU D 40 11.20 -24.82 1.92
C GLU D 40 10.44 -24.00 2.95
N ASN D 41 9.41 -23.28 2.50
CA ASN D 41 8.71 -22.38 3.42
C ASN D 41 8.09 -23.16 4.56
N LEU D 42 8.39 -22.72 5.78
CA LEU D 42 7.93 -23.36 7.00
C LEU D 42 7.04 -22.42 7.80
N CYS D 43 6.14 -23.00 8.58
CA CYS D 43 5.26 -22.23 9.46
C CYS D 43 5.26 -22.87 10.83
N LEU D 44 4.91 -22.08 11.84
CA LEU D 44 4.75 -22.56 13.21
C LEU D 44 3.25 -22.79 13.50
N TYR D 45 2.88 -24.04 13.80
CA TYR D 45 1.51 -24.41 14.08
C TYR D 45 1.38 -24.80 15.53
N GLY D 46 0.25 -24.44 16.13
CA GLY D 46 -0.14 -24.97 17.44
C GLY D 46 -1.47 -25.67 17.28
N HIS D 47 -1.62 -26.81 17.95
CA HIS D 47 -2.76 -27.68 17.75
C HIS D 47 -3.55 -27.84 19.02
N PRO D 48 -4.83 -28.22 18.92
CA PRO D 48 -5.66 -28.34 20.12
C PRO D 48 -5.21 -29.45 21.06
N ASN D 49 -4.35 -30.36 20.59
CA ASN D 49 -3.79 -31.37 21.48
C ASN D 49 -2.55 -30.84 22.22
N GLU D 50 -2.32 -29.53 22.17
CA GLU D 50 -1.23 -28.81 22.84
C GLU D 50 0.16 -29.17 22.28
N SER D 51 0.22 -29.70 21.07
CA SER D 51 1.50 -29.87 20.39
C SER D 51 1.77 -28.66 19.49
N TRP D 52 3.06 -28.34 19.32
CA TRP D 52 3.50 -27.39 18.32
C TRP D 52 4.38 -28.10 17.31
N GLU D 53 4.45 -27.55 16.10
CA GLU D 53 5.30 -28.13 15.08
C GLU D 53 5.70 -27.04 14.10
N VAL D 54 6.82 -27.25 13.42
CA VAL D 54 7.26 -26.42 12.30
C VAL D 54 7.08 -27.27 11.06
N ASN D 55 6.27 -26.81 10.11
CA ASN D 55 5.91 -27.68 8.99
C ASN D 55 5.63 -26.84 7.75
N LEU D 56 5.72 -27.50 6.61
CA LEU D 56 5.18 -26.95 5.37
C LEU D 56 3.71 -26.57 5.53
N PRO D 57 3.24 -25.59 4.75
CA PRO D 57 1.82 -25.26 4.77
C PRO D 57 0.97 -26.38 4.20
N ALA D 58 -0.35 -26.21 4.34
CA ALA D 58 -1.30 -27.21 3.83
C ALA D 58 -1.13 -27.39 2.33
N GLU D 59 -1.07 -28.65 1.89
CA GLU D 59 -0.79 -28.93 0.48
C GLU D 59 -1.98 -28.59 -0.42
N GLU D 60 -3.20 -28.74 0.09
CA GLU D 60 -4.41 -28.52 -0.69
C GLU D 60 -5.08 -27.22 -0.22
N VAL D 61 -5.42 -26.35 -1.18
CA VAL D 61 -5.94 -25.03 -0.85
C VAL D 61 -7.27 -24.80 -1.58
N PRO D 62 -8.20 -23.98 -1.04
CA PRO D 62 -8.03 -23.25 0.22
C PRO D 62 -8.11 -24.20 1.41
N PRO D 63 -7.30 -23.95 2.43
CA PRO D 63 -7.28 -24.85 3.59
C PRO D 63 -8.54 -24.65 4.43
N GLU D 64 -8.85 -25.66 5.23
CA GLU D 64 -10.03 -25.58 6.08
C GLU D 64 -9.95 -24.36 7.00
N LEU D 65 -8.86 -24.24 7.72
CA LEU D 65 -8.62 -23.20 8.69
C LEU D 65 -7.69 -22.12 8.13
N PRO D 66 -7.76 -20.92 8.69
CA PRO D 66 -6.72 -19.93 8.41
C PRO D 66 -5.35 -20.54 8.67
N GLU D 67 -4.37 -20.07 7.92
N GLU D 67 -4.36 -20.08 7.89
CA GLU D 67 -3.02 -20.61 7.97
CA GLU D 67 -3.00 -20.59 7.93
C GLU D 67 -2.05 -19.63 8.61
C GLU D 67 -2.07 -19.62 8.64
N PRO D 68 -1.07 -20.12 9.34
CA PRO D 68 -0.07 -19.23 9.97
C PRO D 68 0.85 -18.62 8.92
N ALA D 69 1.65 -17.66 9.39
CA ALA D 69 2.62 -17.00 8.54
C ALA D 69 3.54 -18.01 7.86
N LEU D 70 3.73 -17.80 6.57
CA LEU D 70 4.45 -18.73 5.69
C LEU D 70 5.89 -18.30 5.53
N GLY D 71 6.81 -19.25 5.62
CA GLY D 71 8.21 -18.92 5.38
C GLY D 71 8.92 -18.18 6.49
N ILE D 72 8.52 -18.40 7.75
CA ILE D 72 9.21 -17.69 8.82
C ILE D 72 10.68 -18.07 8.87
N ASN D 73 11.03 -19.26 8.41
CA ASN D 73 12.43 -19.65 8.45
C ASN D 73 13.29 -18.80 7.51
N PHE D 74 12.70 -18.26 6.43
CA PHE D 74 13.51 -17.52 5.45
C PHE D 74 14.20 -16.32 6.06
N ALA D 75 13.61 -15.73 7.11
CA ALA D 75 14.10 -14.50 7.73
C ALA D 75 14.97 -14.74 8.96
N ARG D 76 15.21 -15.99 9.34
CA ARG D 76 15.78 -16.24 10.65
C ARG D 76 17.19 -15.70 10.76
N ASP D 77 17.99 -15.84 9.70
CA ASP D 77 19.39 -15.49 9.75
C ASP D 77 19.64 -14.09 9.20
N GLY D 78 18.58 -13.33 8.92
CA GLY D 78 18.72 -11.95 8.49
C GLY D 78 18.34 -10.92 9.53
N MET D 79 18.07 -11.32 10.77
CA MET D 79 17.72 -10.37 11.81
C MET D 79 18.21 -10.92 13.14
N GLN D 80 18.22 -10.03 14.14
CA GLN D 80 18.57 -10.43 15.49
C GLN D 80 17.56 -11.44 15.99
N ARG D 81 18.05 -12.42 16.75
CA ARG D 81 17.16 -13.48 17.26
C ARG D 81 15.97 -12.91 18.01
N LYS D 82 16.20 -11.95 18.92
CA LYS D 82 15.08 -11.36 19.66
C LYS D 82 14.04 -10.77 18.71
N ASP D 83 14.48 -10.19 17.59
CA ASP D 83 13.53 -9.55 16.69
C ASP D 83 12.81 -10.58 15.83
N TRP D 84 13.49 -11.68 15.49
CA TRP D 84 12.84 -12.75 14.76
C TRP D 84 11.78 -13.42 15.62
N LEU D 85 12.12 -13.68 16.88
CA LEU D 85 11.15 -14.30 17.77
C LEU D 85 9.94 -13.39 17.98
N SER D 86 10.17 -12.08 18.08
N SER D 86 10.17 -12.07 18.08
CA SER D 86 9.03 -11.18 18.26
CA SER D 86 9.07 -11.14 18.24
C SER D 86 8.14 -11.17 17.04
C SER D 86 8.15 -11.17 17.04
N LEU D 87 8.74 -11.26 15.85
CA LEU D 87 7.96 -11.33 14.62
C LEU D 87 7.12 -12.62 14.61
N VAL D 88 7.74 -13.76 14.95
CA VAL D 88 6.96 -14.99 14.98
C VAL D 88 5.84 -14.89 16.00
N ALA D 89 6.11 -14.24 17.13
CA ALA D 89 5.11 -14.13 18.20
C ALA D 89 3.89 -13.33 17.75
N VAL D 90 4.10 -12.16 17.12
CA VAL D 90 2.94 -11.38 16.70
CA VAL D 90 2.97 -11.36 16.64
C VAL D 90 2.16 -12.14 15.62
N HIS D 91 2.83 -12.74 14.65
CA HIS D 91 2.08 -13.50 13.64
C HIS D 91 1.36 -14.68 14.25
N SER D 92 1.93 -15.28 15.30
CA SER D 92 1.25 -16.38 15.99
C SER D 92 0.03 -15.89 16.76
N ASP D 93 0.13 -14.74 17.45
CA ASP D 93 -1.05 -14.15 18.09
C ASP D 93 -2.16 -13.88 17.08
N CYS D 94 -1.79 -13.30 15.93
CA CYS D 94 -2.76 -13.01 14.87
C CYS D 94 -3.41 -14.29 14.35
N TRP D 95 -2.62 -15.34 14.16
CA TRP D 95 -3.17 -16.59 13.66
C TRP D 95 -4.13 -17.21 14.67
N LEU D 96 -3.75 -17.23 15.96
CA LEU D 96 -4.67 -17.75 16.98
C LEU D 96 -6.01 -17.04 16.93
N LEU D 97 -5.98 -15.72 16.83
CA LEU D 97 -7.22 -14.94 16.77
CA LEU D 97 -7.22 -14.94 16.76
C LEU D 97 -8.06 -15.31 15.55
N SER D 98 -7.40 -15.42 14.38
CA SER D 98 -8.08 -15.77 13.14
CA SER D 98 -8.11 -15.76 13.16
C SER D 98 -8.74 -17.15 13.24
N VAL D 99 -8.04 -18.11 13.83
CA VAL D 99 -8.61 -19.46 13.94
C VAL D 99 -9.86 -19.42 14.82
N SER D 100 -9.77 -18.75 15.97
CA SER D 100 -10.91 -18.73 16.87
C SER D 100 -12.11 -18.05 16.24
N PHE D 101 -11.88 -16.95 15.53
CA PHE D 101 -13.04 -16.28 14.94
C PHE D 101 -13.47 -16.90 13.61
N TYR D 102 -12.65 -17.79 13.04
CA TYR D 102 -13.15 -18.69 12.00
C TYR D 102 -14.16 -19.66 12.58
N PHE D 103 -13.76 -20.36 13.65
CA PHE D 103 -14.72 -21.25 14.32
C PHE D 103 -15.92 -20.46 14.82
N GLY D 104 -15.72 -19.20 15.19
CA GLY D 104 -16.75 -18.35 15.78
C GLY D 104 -17.59 -17.56 14.78
N ALA D 105 -17.53 -17.91 13.51
CA ALA D 105 -18.25 -17.15 12.48
C ALA D 105 -19.75 -17.05 12.76
N ARG D 106 -20.34 -18.10 13.32
CA ARG D 106 -21.78 -18.15 13.54
C ARG D 106 -22.17 -17.62 14.92
N LEU D 107 -21.20 -17.21 15.75
CA LEU D 107 -21.51 -16.52 16.99
C LEU D 107 -22.12 -15.16 16.71
N ASN D 108 -23.04 -14.74 17.58
CA ASN D 108 -23.60 -13.40 17.41
C ASN D 108 -22.64 -12.36 17.99
N ARG D 109 -23.05 -11.10 17.91
CA ARG D 109 -22.16 -10.00 18.27
C ARG D 109 -21.76 -10.05 19.74
N ASN D 110 -22.71 -10.37 20.62
N ASN D 110 -22.69 -10.37 20.63
CA ASN D 110 -22.39 -10.40 22.05
CA ASN D 110 -22.32 -10.38 22.03
C ASN D 110 -21.48 -11.57 22.37
C ASN D 110 -21.47 -11.58 22.39
N GLU D 111 -21.68 -12.71 21.70
CA GLU D 111 -20.85 -13.87 21.93
C GLU D 111 -19.42 -13.62 21.42
N ARG D 112 -19.28 -12.91 20.31
N ARG D 112 -19.28 -12.91 20.30
CA ARG D 112 -17.93 -12.59 19.83
CA ARG D 112 -17.94 -12.58 19.81
C ARG D 112 -17.22 -11.66 20.79
C ARG D 112 -17.22 -11.67 20.80
N LYS D 113 -17.93 -10.70 21.38
CA LYS D 113 -17.34 -9.84 22.38
C LYS D 113 -16.91 -10.64 23.61
N ARG D 114 -17.75 -11.59 24.05
CA ARG D 114 -17.39 -12.41 25.21
C ARG D 114 -16.16 -13.27 24.92
N LEU D 115 -16.12 -13.88 23.75
CA LEU D 115 -14.96 -14.68 23.37
C LEU D 115 -13.69 -13.85 23.34
N PHE D 116 -13.74 -12.66 22.73
CA PHE D 116 -12.54 -11.85 22.74
C PHE D 116 -12.12 -11.50 24.17
N SER D 117 -13.09 -11.26 25.06
CA SER D 117 -12.75 -10.90 26.43
C SER D 117 -11.97 -12.01 27.12
N LEU D 118 -12.36 -13.27 26.89
CA LEU D 118 -11.61 -14.39 27.47
C LEU D 118 -10.20 -14.45 26.90
N ILE D 119 -10.08 -14.25 25.58
CA ILE D 119 -8.78 -14.27 24.92
C ILE D 119 -7.90 -13.17 25.47
N ASN D 120 -8.47 -11.98 25.63
CA ASN D 120 -7.76 -10.79 26.01
C ASN D 120 -7.31 -10.82 27.46
N ASP D 121 -7.82 -11.74 28.27
CA ASP D 121 -7.33 -11.89 29.63
C ASP D 121 -6.03 -12.69 29.71
N LEU D 122 -5.58 -13.32 28.60
CA LEU D 122 -4.28 -14.01 28.55
C LEU D 122 -3.24 -13.11 27.92
N PRO D 123 -2.03 -13.04 28.50
CA PRO D 123 -0.96 -12.25 27.88
C PRO D 123 -0.72 -12.72 26.45
N THR D 124 -0.42 -11.77 25.55
CA THR D 124 -0.16 -12.20 24.20
C THR D 124 1.22 -12.83 24.12
N LEU D 125 1.40 -13.68 23.10
CA LEU D 125 2.72 -14.24 22.88
C LEU D 125 3.75 -13.14 22.64
N PHE D 126 3.35 -12.10 21.91
CA PHE D 126 4.25 -10.97 21.70
C PHE D 126 4.63 -10.33 23.04
N ASP D 127 3.66 -10.12 23.92
CA ASP D 127 4.01 -9.53 25.22
C ASP D 127 4.95 -10.44 26.00
N VAL D 128 4.72 -11.76 25.97
CA VAL D 128 5.54 -12.67 26.76
C VAL D 128 6.97 -12.69 26.22
N VAL D 129 7.09 -12.87 24.91
CA VAL D 129 8.41 -13.02 24.29
C VAL D 129 9.23 -11.75 24.43
N THR D 130 8.60 -10.57 24.25
CA THR D 130 9.30 -9.29 24.35
C THR D 130 9.42 -8.81 25.80
N GLY D 131 8.88 -9.54 26.76
CA GLY D 131 8.95 -9.14 28.15
C GLY D 131 8.19 -7.88 28.49
N ARG D 132 7.07 -7.64 27.81
CA ARG D 132 6.24 -6.47 28.09
C ARG D 132 5.39 -6.66 29.35
N SER E 2 2.30 3.13 9.38
CA SER E 2 1.31 2.09 9.65
C SER E 2 0.39 2.58 10.76
N PRO E 3 -0.87 2.13 10.75
CA PRO E 3 -1.78 2.48 11.84
C PRO E 3 -1.22 2.04 13.18
N ARG E 4 -1.35 2.90 14.19
CA ARG E 4 -0.83 2.57 15.52
C ARG E 4 -1.84 2.78 16.63
N THR E 5 -2.60 3.87 16.62
CA THR E 5 -3.61 4.09 17.63
C THR E 5 -4.85 3.27 17.35
N VAL E 6 -5.69 3.13 18.38
CA VAL E 6 -6.97 2.45 18.21
C VAL E 6 -7.76 3.06 17.05
N GLU E 7 -7.84 4.40 17.01
CA GLU E 7 -8.61 5.04 15.95
C GLU E 7 -7.99 4.85 14.58
N GLU E 8 -6.65 4.90 14.48
CA GLU E 8 -6.02 4.67 13.18
C GLU E 8 -6.27 3.25 12.72
N ILE E 9 -6.18 2.27 13.64
CA ILE E 9 -6.36 0.89 13.22
C ILE E 9 -7.81 0.63 12.83
N PHE E 10 -8.77 1.24 13.54
CA PHE E 10 -10.17 1.05 13.16
C PHE E 10 -10.48 1.71 11.83
N LYS E 11 -9.91 2.90 11.56
CA LYS E 11 -10.08 3.51 10.25
C LYS E 11 -9.59 2.60 9.15
N ASP E 12 -8.41 2.01 9.34
CA ASP E 12 -7.83 1.06 8.39
C ASP E 12 -8.72 -0.17 8.23
N TYR E 13 -9.19 -0.73 9.35
CA TYR E 13 -10.12 -1.87 9.30
C TYR E 13 -11.38 -1.54 8.51
N SER E 14 -12.03 -0.41 8.84
N SER E 14 -12.02 -0.41 8.83
CA SER E 14 -13.29 -0.05 8.19
CA SER E 14 -13.30 -0.10 8.19
C SER E 14 -13.11 0.09 6.69
C SER E 14 -13.12 0.11 6.69
N ALA E 15 -11.97 0.67 6.27
CA ALA E 15 -11.74 0.87 4.84
C ALA E 15 -11.52 -0.44 4.12
N ARG E 16 -10.67 -1.33 4.67
CA ARG E 16 -10.48 -2.64 4.06
C ARG E 16 -11.78 -3.43 4.07
N ARG E 17 -12.52 -3.37 5.17
CA ARG E 17 -13.80 -4.05 5.23
C ARG E 17 -14.75 -3.57 4.14
N ALA E 18 -14.81 -2.24 3.93
CA ALA E 18 -15.72 -1.72 2.93
C ALA E 18 -15.37 -2.23 1.54
N ALA E 19 -14.07 -2.32 1.26
CA ALA E 19 -13.59 -2.86 -0.01
C ALA E 19 -14.05 -4.30 -0.18
N LEU E 20 -13.83 -5.12 0.84
CA LEU E 20 -14.18 -6.53 0.73
C LEU E 20 -15.69 -6.72 0.64
N LEU E 21 -16.45 -5.92 1.39
CA LEU E 21 -17.89 -6.02 1.29
C LEU E 21 -18.35 -5.70 -0.13
N ARG E 22 -17.76 -4.67 -0.74
CA ARG E 22 -18.12 -4.36 -2.12
C ARG E 22 -17.80 -5.52 -3.05
N ALA E 23 -16.63 -6.15 -2.88
CA ALA E 23 -16.28 -7.28 -3.73
C ALA E 23 -17.32 -8.38 -3.64
N LEU E 24 -17.88 -8.59 -2.45
CA LEU E 24 -18.80 -9.71 -2.24
C LEU E 24 -20.25 -9.38 -2.56
N THR E 25 -20.56 -8.13 -2.86
CA THR E 25 -21.94 -7.71 -3.05
C THR E 25 -22.07 -6.88 -4.35
N LYS E 26 -21.85 -5.58 -4.26
CA LYS E 26 -22.00 -4.70 -5.41
C LYS E 26 -21.16 -5.13 -6.60
N ASP E 27 -19.90 -5.53 -6.37
CA ASP E 27 -18.97 -5.88 -7.43
C ASP E 27 -18.85 -7.38 -7.60
N VAL E 28 -19.86 -8.15 -7.15
CA VAL E 28 -19.68 -9.60 -7.08
C VAL E 28 -19.47 -10.22 -8.45
N ASP E 29 -20.09 -9.70 -9.50
CA ASP E 29 -19.85 -10.27 -10.83
C ASP E 29 -18.39 -10.12 -11.24
N ASP E 30 -17.81 -8.94 -11.00
CA ASP E 30 -16.40 -8.72 -11.30
C ASP E 30 -15.50 -9.62 -10.44
N PHE E 31 -15.78 -9.65 -9.13
CA PHE E 31 -15.02 -10.50 -8.23
C PHE E 31 -15.08 -11.96 -8.67
N TYR E 32 -16.30 -12.45 -8.94
CA TYR E 32 -16.47 -13.82 -9.37
C TYR E 32 -15.65 -14.10 -10.63
N SER E 33 -15.71 -13.19 -11.61
CA SER E 33 -15.00 -13.38 -12.88
CA SER E 33 -15.00 -13.39 -12.87
C SER E 33 -13.50 -13.40 -12.69
N GLN E 34 -12.99 -12.67 -11.71
CA GLN E 34 -11.54 -12.63 -11.49
C GLN E 34 -11.02 -13.88 -10.78
N CYS E 35 -11.91 -14.64 -10.14
CA CYS E 35 -11.52 -15.83 -9.38
C CYS E 35 -11.60 -17.09 -10.26
N ASP E 36 -10.88 -17.03 -11.38
CA ASP E 36 -10.84 -18.12 -12.35
C ASP E 36 -10.26 -19.39 -11.73
N PRO E 37 -11.03 -20.49 -11.65
CA PRO E 37 -10.55 -21.69 -10.96
C PRO E 37 -9.35 -22.34 -11.61
N GLU E 38 -9.09 -22.04 -12.89
CA GLU E 38 -7.98 -22.65 -13.59
C GLU E 38 -6.75 -21.75 -13.62
N LYS E 39 -6.83 -20.60 -12.99
CA LYS E 39 -5.66 -19.80 -12.80
C LYS E 39 -4.89 -20.40 -11.61
N GLU E 40 -3.75 -19.80 -11.27
CA GLU E 40 -3.01 -20.18 -10.08
C GLU E 40 -3.78 -19.70 -8.80
N ASN E 41 -3.31 -20.13 -7.66
CA ASN E 41 -4.00 -19.84 -6.41
C ASN E 41 -4.11 -18.31 -6.17
N LEU E 42 -5.34 -17.86 -5.94
CA LEU E 42 -5.62 -16.45 -5.78
C LEU E 42 -6.17 -16.10 -4.39
N CYS E 43 -6.01 -14.83 -4.05
CA CYS E 43 -6.48 -14.29 -2.77
C CYS E 43 -7.25 -13.01 -3.02
N LEU E 44 -8.12 -12.68 -2.08
CA LEU E 44 -8.89 -11.44 -2.12
C LEU E 44 -8.34 -10.50 -1.05
N TYR E 45 -7.81 -9.37 -1.48
CA TYR E 45 -7.22 -8.36 -0.62
C TYR E 45 -8.12 -7.14 -0.53
N GLY E 46 -8.16 -6.54 0.66
CA GLY E 46 -8.81 -5.24 0.82
C GLY E 46 -7.78 -4.20 1.22
N HIS E 47 -7.74 -3.10 0.52
CA HIS E 47 -6.77 -2.02 0.71
C HIS E 47 -7.38 -0.87 1.49
N PRO E 48 -6.54 -0.12 2.24
CA PRO E 48 -7.05 0.95 3.10
C PRO E 48 -7.58 2.15 2.35
N ASN E 49 -7.45 2.19 1.03
CA ASN E 49 -8.12 3.19 0.23
C ASN E 49 -9.51 2.73 -0.24
N GLU E 50 -9.99 1.60 0.30
CA GLU E 50 -11.31 1.03 0.03
C GLU E 50 -11.38 0.34 -1.33
N SER E 51 -10.24 0.03 -1.94
CA SER E 51 -10.25 -0.79 -3.15
C SER E 51 -9.96 -2.24 -2.77
N TRP E 52 -10.56 -3.16 -3.53
CA TRP E 52 -10.24 -4.57 -3.39
C TRP E 52 -9.45 -5.05 -4.60
N GLU E 53 -8.74 -6.16 -4.40
CA GLU E 53 -7.85 -6.70 -5.42
C GLU E 53 -7.85 -8.21 -5.30
N VAL E 54 -7.95 -8.90 -6.44
CA VAL E 54 -7.71 -10.34 -6.50
C VAL E 54 -6.33 -10.54 -7.09
N ASN E 55 -5.47 -11.29 -6.41
CA ASN E 55 -4.13 -11.47 -6.95
C ASN E 55 -3.49 -12.72 -6.37
N LEU E 56 -2.38 -13.12 -6.98
CA LEU E 56 -1.55 -14.16 -6.40
C LEU E 56 -1.07 -13.71 -5.02
N PRO E 57 -0.69 -14.66 -4.17
CA PRO E 57 -0.15 -14.28 -2.86
C PRO E 57 1.11 -13.44 -3.01
N ALA E 58 1.45 -12.74 -1.92
CA ALA E 58 2.56 -11.79 -1.93
C ALA E 58 3.86 -12.46 -2.33
N GLU E 59 4.67 -11.76 -3.14
CA GLU E 59 5.93 -12.33 -3.59
C GLU E 59 6.93 -12.46 -2.43
N GLU E 60 7.01 -11.44 -1.58
CA GLU E 60 7.93 -11.46 -0.45
C GLU E 60 7.46 -12.47 0.60
N VAL E 61 8.36 -13.32 1.06
CA VAL E 61 8.06 -14.35 2.04
C VAL E 61 9.12 -14.29 3.13
N PRO E 62 8.74 -14.15 4.41
CA PRO E 62 7.38 -13.90 4.88
C PRO E 62 6.92 -12.46 4.58
N PRO E 63 5.64 -12.28 4.28
CA PRO E 63 5.11 -10.94 4.01
C PRO E 63 5.06 -10.09 5.27
N GLU E 64 4.84 -8.79 5.05
CA GLU E 64 4.69 -7.86 6.16
C GLU E 64 3.39 -8.12 6.92
N LEU E 65 2.27 -7.96 6.25
CA LEU E 65 0.97 -8.18 6.84
C LEU E 65 0.60 -9.66 6.78
N PRO E 66 -0.24 -10.12 7.71
CA PRO E 66 -0.91 -11.41 7.52
C PRO E 66 -1.51 -11.52 6.11
N GLU E 67 -1.54 -12.77 5.59
CA GLU E 67 -2.01 -13.03 4.24
C GLU E 67 -3.44 -13.57 4.24
N PRO E 68 -4.23 -13.20 3.24
CA PRO E 68 -5.59 -13.74 3.13
C PRO E 68 -5.55 -15.21 2.74
N ALA E 69 -6.72 -15.85 2.81
CA ALA E 69 -6.84 -17.23 2.41
C ALA E 69 -6.38 -17.43 0.97
N LEU E 70 -5.59 -18.48 0.74
CA LEU E 70 -4.99 -18.80 -0.55
C LEU E 70 -5.86 -19.77 -1.35
N GLY E 71 -6.00 -19.52 -2.65
CA GLY E 71 -6.69 -20.46 -3.51
C GLY E 71 -8.19 -20.41 -3.50
N ILE E 72 -8.78 -19.27 -3.14
CA ILE E 72 -10.24 -19.21 -3.09
C ILE E 72 -10.87 -19.48 -4.46
N ASN E 73 -10.13 -19.23 -5.56
CA ASN E 73 -10.63 -19.56 -6.89
C ASN E 73 -10.78 -21.06 -7.09
N PHE E 74 -10.02 -21.88 -6.37
CA PHE E 74 -10.08 -23.33 -6.55
C PHE E 74 -11.39 -23.91 -6.08
N ALA E 75 -12.13 -23.20 -5.22
CA ALA E 75 -13.40 -23.66 -4.69
C ALA E 75 -14.61 -23.13 -5.45
N ARG E 76 -14.42 -22.19 -6.39
CA ARG E 76 -15.54 -21.40 -6.91
C ARG E 76 -16.56 -22.28 -7.64
N ASP E 77 -16.09 -23.21 -8.45
CA ASP E 77 -17.00 -23.96 -9.31
C ASP E 77 -17.59 -25.18 -8.64
N GLY E 78 -17.04 -25.63 -7.52
CA GLY E 78 -17.47 -26.85 -6.87
C GLY E 78 -18.54 -26.72 -5.81
N MET E 79 -19.15 -25.56 -5.68
CA MET E 79 -20.15 -25.33 -4.65
C MET E 79 -21.12 -24.26 -5.14
N GLN E 80 -22.28 -24.17 -4.48
CA GLN E 80 -23.23 -23.14 -4.83
C GLN E 80 -22.59 -21.77 -4.60
N ARG E 81 -22.97 -20.82 -5.45
CA ARG E 81 -22.40 -19.48 -5.37
C ARG E 81 -22.55 -18.87 -3.98
N LYS E 82 -23.73 -19.03 -3.37
CA LYS E 82 -23.94 -18.42 -2.05
C LYS E 82 -22.99 -19.04 -1.02
N ASP E 83 -22.71 -20.34 -1.12
CA ASP E 83 -21.81 -20.98 -0.18
C ASP E 83 -20.36 -20.58 -0.42
N TRP E 84 -20.00 -20.38 -1.68
CA TRP E 84 -18.66 -19.92 -1.98
C TRP E 84 -18.43 -18.51 -1.42
N LEU E 85 -19.43 -17.63 -1.60
CA LEU E 85 -19.32 -16.26 -1.09
C LEU E 85 -19.25 -16.26 0.42
N SER E 86 -19.98 -17.17 1.07
N SER E 86 -19.99 -17.17 1.07
CA SER E 86 -19.91 -17.23 2.53
CA SER E 86 -19.92 -17.26 2.52
C SER E 86 -18.53 -17.69 2.99
C SER E 86 -18.53 -17.69 2.97
N LEU E 87 -17.93 -18.66 2.27
CA LEU E 87 -16.59 -19.10 2.58
C LEU E 87 -15.59 -17.95 2.45
N VAL E 88 -15.67 -17.22 1.35
CA VAL E 88 -14.77 -16.09 1.17
C VAL E 88 -15.00 -15.04 2.24
N ALA E 89 -16.27 -14.85 2.62
CA ALA E 89 -16.62 -13.86 3.63
C ALA E 89 -16.01 -14.18 4.98
N VAL E 90 -16.12 -15.44 5.45
CA VAL E 90 -15.56 -15.77 6.75
CA VAL E 90 -15.55 -15.80 6.75
C VAL E 90 -14.04 -15.63 6.74
N HIS E 91 -13.39 -16.12 5.68
CA HIS E 91 -11.93 -16.00 5.64
C HIS E 91 -11.50 -14.54 5.56
N SER E 92 -12.28 -13.71 4.87
CA SER E 92 -11.98 -12.27 4.80
C SER E 92 -12.21 -11.59 6.15
N ASP E 93 -13.28 -11.94 6.86
CA ASP E 93 -13.46 -11.46 8.24
C ASP E 93 -12.26 -11.80 9.11
N CYS E 94 -11.76 -13.03 8.99
CA CYS E 94 -10.65 -13.46 9.81
C CYS E 94 -9.40 -12.68 9.44
N TRP E 95 -9.20 -12.44 8.13
CA TRP E 95 -8.04 -11.67 7.66
C TRP E 95 -8.09 -10.24 8.18
N LEU E 96 -9.26 -9.61 8.12
CA LEU E 96 -9.40 -8.25 8.64
C LEU E 96 -9.03 -8.17 10.12
N LEU E 97 -9.49 -9.14 10.91
CA LEU E 97 -9.13 -9.15 12.33
CA LEU E 97 -9.13 -9.18 12.33
C LEU E 97 -7.63 -9.34 12.50
N SER E 98 -7.04 -10.26 11.74
CA SER E 98 -5.62 -10.51 11.84
CA SER E 98 -5.61 -10.52 11.82
C SER E 98 -4.79 -9.27 11.50
N VAL E 99 -5.16 -8.56 10.43
CA VAL E 99 -4.43 -7.35 10.05
C VAL E 99 -4.54 -6.30 11.17
N SER E 100 -5.73 -6.13 11.73
CA SER E 100 -5.89 -5.08 12.74
C SER E 100 -5.07 -5.38 13.98
N PHE E 101 -5.04 -6.65 14.43
CA PHE E 101 -4.28 -6.95 15.61
C PHE E 101 -2.80 -7.19 15.34
N TYR E 102 -2.41 -7.30 14.06
CA TYR E 102 -1.01 -7.14 13.68
C TYR E 102 -0.57 -5.69 13.91
N PHE E 103 -1.29 -4.74 13.30
CA PHE E 103 -0.98 -3.32 13.57
C PHE E 103 -1.07 -3.02 15.05
N GLY E 104 -1.97 -3.68 15.78
CA GLY E 104 -2.24 -3.48 17.19
C GLY E 104 -1.36 -4.27 18.13
N ALA E 105 -0.27 -4.88 17.65
CA ALA E 105 0.56 -5.73 18.51
C ALA E 105 1.03 -4.98 19.74
N ARG E 106 1.35 -3.69 19.60
CA ARG E 106 1.91 -2.95 20.71
C ARG E 106 0.84 -2.27 21.54
N LEU E 107 -0.44 -2.45 21.20
CA LEU E 107 -1.51 -1.96 22.07
C LEU E 107 -1.51 -2.72 23.39
N ASN E 108 -1.89 -2.03 24.46
CA ASN E 108 -2.03 -2.70 25.74
C ASN E 108 -3.39 -3.40 25.82
N ARG E 109 -3.60 -4.12 26.93
CA ARG E 109 -4.79 -4.96 27.06
C ARG E 109 -6.07 -4.15 26.90
N ASN E 110 -6.14 -2.98 27.54
N ASN E 110 -6.14 -2.98 27.54
CA ASN E 110 -7.36 -2.20 27.46
CA ASN E 110 -7.35 -2.19 27.46
C ASN E 110 -7.57 -1.65 26.06
C ASN E 110 -7.56 -1.63 26.06
N GLU E 111 -6.47 -1.25 25.40
CA GLU E 111 -6.56 -0.75 24.03
C GLU E 111 -7.03 -1.84 23.09
N ARG E 112 -6.56 -3.07 23.29
CA ARG E 112 -7.00 -4.17 22.43
CA ARG E 112 -7.00 -4.16 22.43
C ARG E 112 -8.50 -4.42 22.60
N LYS E 113 -8.99 -4.36 23.85
CA LYS E 113 -10.41 -4.54 24.09
C LYS E 113 -11.23 -3.44 23.42
N ARG E 114 -10.77 -2.19 23.51
CA ARG E 114 -11.48 -1.10 22.86
C ARG E 114 -11.48 -1.28 21.35
N LEU E 115 -10.35 -1.67 20.78
CA LEU E 115 -10.26 -1.91 19.34
C LEU E 115 -11.24 -2.99 18.92
N PHE E 116 -11.24 -4.13 19.63
CA PHE E 116 -12.23 -5.14 19.26
C PHE E 116 -13.65 -4.61 19.38
N SER E 117 -13.92 -3.80 20.41
N SER E 117 -13.92 -3.82 20.42
CA SER E 117 -15.29 -3.32 20.60
CA SER E 117 -15.27 -3.31 20.61
C SER E 117 -15.75 -2.53 19.38
C SER E 117 -15.74 -2.54 19.38
N LEU E 118 -14.85 -1.75 18.79
CA LEU E 118 -15.20 -0.97 17.61
C LEU E 118 -15.43 -1.89 16.42
N ILE E 119 -14.51 -2.82 16.18
CA ILE E 119 -14.65 -3.79 15.11
C ILE E 119 -15.98 -4.51 15.24
N ASN E 120 -16.34 -4.90 16.47
CA ASN E 120 -17.53 -5.66 16.74
C ASN E 120 -18.81 -4.83 16.61
N ASP E 121 -18.71 -3.52 16.47
CA ASP E 121 -19.90 -2.70 16.20
C ASP E 121 -20.36 -2.77 14.75
N LEU E 122 -19.53 -3.28 13.86
CA LEU E 122 -19.90 -3.44 12.46
C LEU E 122 -20.28 -4.89 12.18
N PRO E 123 -21.31 -5.13 11.38
CA PRO E 123 -21.65 -6.52 11.04
C PRO E 123 -20.53 -7.16 10.27
N THR E 124 -20.30 -8.46 10.54
CA THR E 124 -19.24 -9.12 9.80
C THR E 124 -19.63 -9.33 8.34
N LEU E 125 -18.62 -9.53 7.49
CA LEU E 125 -18.91 -9.84 6.09
C LEU E 125 -19.78 -11.09 5.98
N PHE E 126 -19.45 -12.10 6.79
CA PHE E 126 -20.25 -13.31 6.79
C PHE E 126 -21.70 -13.03 7.12
N ASP E 127 -21.94 -12.19 8.14
CA ASP E 127 -23.32 -11.88 8.51
C ASP E 127 -24.04 -11.17 7.36
N VAL E 128 -23.37 -10.22 6.71
CA VAL E 128 -24.03 -9.47 5.64
C VAL E 128 -24.32 -10.36 4.45
N VAL E 129 -23.32 -11.14 4.03
CA VAL E 129 -23.47 -11.94 2.81
C VAL E 129 -24.48 -13.06 3.00
N THR E 130 -24.50 -13.69 4.18
CA THR E 130 -25.47 -14.76 4.44
C THR E 130 -26.81 -14.23 4.95
N GLY E 131 -26.93 -12.92 5.17
CA GLY E 131 -28.19 -12.36 5.59
C GLY E 131 -28.57 -12.60 7.03
N ARG E 132 -27.58 -12.85 7.90
CA ARG E 132 -27.87 -12.97 9.32
C ARG E 132 -28.22 -11.61 9.92
N THR F 10 -12.88 -31.42 -5.37
CA THR F 10 -13.62 -30.59 -6.33
C THR F 10 -13.56 -29.11 -5.93
N THR F 11 -13.29 -28.86 -4.65
CA THR F 11 -13.20 -27.50 -4.14
C THR F 11 -11.82 -27.18 -3.57
N GLN F 12 -10.83 -28.03 -3.82
CA GLN F 12 -9.46 -27.78 -3.39
C GLN F 12 -8.52 -28.31 -4.46
N ARG F 13 -7.37 -27.64 -4.57
CA ARG F 13 -6.31 -28.05 -5.47
C ARG F 13 -4.98 -27.88 -4.76
N LYS F 14 -3.97 -28.63 -5.21
CA LYS F 14 -2.62 -28.44 -4.70
C LYS F 14 -2.21 -26.98 -4.87
N ARG F 15 -1.58 -26.42 -3.84
CA ARG F 15 -1.13 -25.05 -3.92
C ARG F 15 -0.15 -24.89 -5.09
N SER F 16 -0.13 -23.67 -5.64
CA SER F 16 0.58 -23.39 -6.89
C SER F 16 2.08 -23.17 -6.70
#